data_8J4N
#
_entry.id   8J4N
#
_cell.length_a   77.520
_cell.length_b   101.219
_cell.length_c   57.970
_cell.angle_alpha   90.00
_cell.angle_beta   90.00
_cell.angle_gamma   90.00
#
_symmetry.space_group_name_H-M   'P 21 21 2'
#
loop_
_entity.id
_entity.type
_entity.pdbx_description
1 polymer 'Bacterial regulatory helix-turn-helix protein, lysR family protein'
2 water water
#
_entity_poly.entity_id   1
_entity_poly.type   'polypeptide(L)'
_entity_poly.pdbx_seq_one_letter_code
;MNINQEQLLMFQAVMETGSFSAAARKLGKVPSAVSMSIANLEIDLNLTLFERKGREPTPTAEARVLYEKTAQLLIEMNQW
KQHAHALSTGLEPNLTIVVVSELLHTNWTDYVCLLESRFPDLQINIVSAPQEDALQMLLDGSAQLALMFEREHLDNREQF
VELKREALIPVISKTHPLASQEHVSYEQILGTRQIVVASRDETLKPELLFSKHYWRTDNHHSACLMILRNLGWGVLPQEM
FKENPELNNKLKALDVFDFTPRFEYYVDLVWSRESELGAAARFLIDYIRNKRMQPAP
;
_entity_poly.pdbx_strand_id   A,B
#
# COMPACT_ATOMS: atom_id res chain seq x y z
N LEU A 91 -22.69 0.65 19.61
CA LEU A 91 -22.40 1.94 20.22
C LEU A 91 -21.12 2.48 19.62
N GLU A 92 -21.22 3.65 18.93
CA GLU A 92 -20.24 4.25 18.04
C GLU A 92 -20.36 3.60 16.66
N PRO A 93 -20.93 4.30 15.67
CA PRO A 93 -21.16 3.67 14.36
C PRO A 93 -19.89 3.52 13.55
N ASN A 94 -19.81 2.40 12.84
CA ASN A 94 -18.61 2.02 12.10
C ASN A 94 -18.97 1.64 10.68
N LEU A 95 -18.05 1.94 9.76
CA LEU A 95 -18.15 1.51 8.37
C LEU A 95 -16.77 1.12 7.91
N THR A 96 -16.58 -0.16 7.57
CA THR A 96 -15.32 -0.67 7.08
C THR A 96 -15.44 -0.95 5.58
N ILE A 97 -14.52 -0.38 4.81
CA ILE A 97 -14.46 -0.52 3.37
C ILE A 97 -13.13 -1.18 3.02
N VAL A 98 -13.19 -2.27 2.26
CA VAL A 98 -11.97 -2.96 1.83
C VAL A 98 -11.71 -2.61 0.37
N VAL A 99 -10.55 -2.00 0.12
CA VAL A 99 -10.08 -1.69 -1.22
C VAL A 99 -9.10 -2.79 -1.62
N VAL A 100 -9.40 -3.50 -2.71
CA VAL A 100 -8.50 -4.56 -3.12
C VAL A 100 -7.15 -3.96 -3.49
N SER A 101 -6.10 -4.77 -3.32
CA SER A 101 -4.73 -4.28 -3.41
C SER A 101 -4.48 -3.53 -4.71
N GLU A 102 -4.96 -4.08 -5.82
CA GLU A 102 -4.70 -3.48 -7.12
C GLU A 102 -5.29 -2.07 -7.27
N LEU A 103 -6.30 -1.73 -6.46
CA LEU A 103 -6.96 -0.44 -6.55
C LEU A 103 -6.49 0.56 -5.52
N LEU A 104 -5.47 0.22 -4.72
CA LEU A 104 -5.04 1.09 -3.62
C LEU A 104 -4.58 2.46 -4.13
N HIS A 105 -3.85 2.48 -5.25
CA HIS A 105 -3.28 3.71 -5.80
C HIS A 105 -4.11 4.26 -6.95
N THR A 106 -5.41 4.06 -6.89
CA THR A 106 -6.41 4.76 -7.68
C THR A 106 -7.13 5.75 -6.79
N ASN A 107 -8.04 6.53 -7.36
CA ASN A 107 -8.73 7.58 -6.63
C ASN A 107 -10.02 7.02 -6.05
N TRP A 108 -9.99 6.67 -4.76
CA TRP A 108 -11.17 6.25 -4.02
C TRP A 108 -11.53 7.24 -2.92
N THR A 109 -10.78 8.33 -2.78
CA THR A 109 -10.90 9.20 -1.62
C THR A 109 -12.11 10.15 -1.70
N ASP A 110 -12.66 10.36 -2.90
CA ASP A 110 -13.84 11.22 -3.01
C ASP A 110 -15.05 10.59 -2.33
N TYR A 111 -15.15 9.26 -2.36
CA TYR A 111 -16.28 8.60 -1.73
C TYR A 111 -16.18 8.70 -0.21
N VAL A 112 -14.95 8.72 0.33
CA VAL A 112 -14.77 8.87 1.77
C VAL A 112 -15.16 10.27 2.21
N CYS A 113 -14.72 11.30 1.48
CA CYS A 113 -15.09 12.67 1.82
C CYS A 113 -16.59 12.88 1.73
N LEU A 114 -17.24 12.24 0.75
CA LEU A 114 -18.70 12.33 0.65
C LEU A 114 -19.37 11.73 1.88
N LEU A 115 -18.88 10.57 2.32
CA LEU A 115 -19.46 9.93 3.49
C LEU A 115 -19.19 10.73 4.76
N GLU A 116 -17.99 11.29 4.88
CA GLU A 116 -17.64 12.03 6.09
C GLU A 116 -18.47 13.30 6.23
N SER A 117 -18.67 14.03 5.13
CA SER A 117 -19.44 15.27 5.20
C SER A 117 -20.91 15.01 5.52
N ARG A 118 -21.43 13.85 5.14
CA ARG A 118 -22.82 13.49 5.38
C ARG A 118 -23.01 12.81 6.72
N PHE A 119 -22.01 12.05 7.18
CA PHE A 119 -22.08 11.32 8.44
C PHE A 119 -20.88 11.69 9.30
N PRO A 120 -20.90 12.87 9.91
CA PRO A 120 -19.67 13.38 10.54
C PRO A 120 -19.23 12.61 11.78
N ASP A 121 -20.11 11.84 12.41
CA ASP A 121 -19.74 11.06 13.58
C ASP A 121 -19.37 9.63 13.23
N LEU A 122 -19.32 9.29 11.95
CA LEU A 122 -19.09 7.92 11.52
C LEU A 122 -17.59 7.60 11.50
N GLN A 123 -17.22 6.49 12.15
CA GLN A 123 -15.86 5.97 12.00
C GLN A 123 -15.79 5.21 10.68
N ILE A 124 -14.86 5.60 9.83
CA ILE A 124 -14.68 5.01 8.51
C ILE A 124 -13.30 4.37 8.47
N ASN A 125 -13.26 3.05 8.42
CA ASN A 125 -12.00 2.31 8.35
C ASN A 125 -11.78 1.79 6.93
N ILE A 126 -10.65 2.15 6.35
CA ILE A 126 -10.27 1.74 5.01
C ILE A 126 -9.17 0.71 5.13
N VAL A 127 -9.47 -0.54 4.78
CA VAL A 127 -8.49 -1.62 4.78
C VAL A 127 -8.26 -2.08 3.34
N SER A 128 -7.21 -2.87 3.15
CA SER A 128 -6.87 -3.42 1.84
C SER A 128 -6.62 -4.91 1.97
N ALA A 129 -6.86 -5.64 0.89
CA ALA A 129 -6.78 -7.08 0.91
C ALA A 129 -6.76 -7.59 -0.53
N PRO A 130 -6.33 -8.82 -0.76
CA PRO A 130 -6.52 -9.41 -2.08
C PRO A 130 -7.99 -9.59 -2.41
N GLN A 131 -8.26 -9.67 -3.72
CA GLN A 131 -9.61 -9.89 -4.23
C GLN A 131 -10.35 -10.97 -3.46
N GLU A 132 -9.72 -12.14 -3.32
CA GLU A 132 -10.37 -13.28 -2.70
C GLU A 132 -10.69 -13.01 -1.22
N ASP A 133 -9.78 -12.36 -0.50
CA ASP A 133 -10.02 -12.10 0.92
C ASP A 133 -11.05 -10.99 1.10
N ALA A 134 -11.04 -9.99 0.20
CA ALA A 134 -12.02 -8.91 0.29
C ALA A 134 -13.45 -9.45 0.17
N LEU A 135 -13.66 -10.40 -0.74
CA LEU A 135 -14.97 -11.01 -0.90
C LEU A 135 -15.40 -11.74 0.38
N GLN A 136 -14.48 -12.49 0.98
CA GLN A 136 -14.79 -13.19 2.23
C GLN A 136 -15.08 -12.20 3.36
N MET A 137 -14.47 -11.02 3.33
CA MET A 137 -14.75 -10.01 4.35
C MET A 137 -16.18 -9.51 4.24
N LEU A 138 -16.69 -9.36 3.02
CA LEU A 138 -18.09 -9.02 2.84
C LEU A 138 -19.00 -10.12 3.39
N LEU A 139 -18.64 -11.38 3.12
CA LEU A 139 -19.55 -12.47 3.48
C LEU A 139 -19.56 -12.73 4.98
N ASP A 140 -18.42 -12.57 5.66
CA ASP A 140 -18.40 -12.80 7.10
C ASP A 140 -18.61 -11.53 7.92
N GLY A 141 -18.81 -10.39 7.27
CA GLY A 141 -19.19 -9.17 7.94
C GLY A 141 -18.06 -8.26 8.36
N SER A 142 -16.81 -8.60 8.06
CA SER A 142 -15.71 -7.74 8.47
C SER A 142 -15.73 -6.42 7.71
N ALA A 143 -16.32 -6.40 6.53
CA ALA A 143 -16.45 -5.20 5.72
C ALA A 143 -17.88 -5.10 5.18
N GLN A 144 -18.38 -3.87 5.06
CA GLN A 144 -19.69 -3.62 4.48
C GLN A 144 -19.61 -3.37 2.98
N LEU A 145 -18.51 -2.79 2.52
CA LEU A 145 -18.35 -2.40 1.13
C LEU A 145 -16.96 -2.79 0.66
N ALA A 146 -16.83 -3.03 -0.63
CA ALA A 146 -15.55 -3.38 -1.24
C ALA A 146 -15.40 -2.64 -2.56
N LEU A 147 -14.18 -2.17 -2.81
CA LEU A 147 -13.80 -1.67 -4.13
C LEU A 147 -13.04 -2.77 -4.85
N MET A 148 -13.66 -3.32 -5.89
CA MET A 148 -13.16 -4.45 -6.65
C MET A 148 -13.09 -4.05 -8.12
N PHE A 149 -12.35 -4.82 -8.92
CA PHE A 149 -12.27 -4.55 -10.34
C PHE A 149 -12.73 -5.77 -11.14
N GLU A 150 -13.10 -5.49 -12.39
CA GLU A 150 -13.46 -6.51 -13.37
C GLU A 150 -14.73 -7.25 -12.93
N ARG A 151 -14.64 -8.10 -11.92
CA ARG A 151 -15.87 -8.61 -11.31
C ARG A 151 -16.47 -7.56 -10.38
N ASP A 155 -20.13 -14.17 -8.63
CA ASP A 155 -20.74 -14.93 -7.54
C ASP A 155 -22.13 -14.35 -7.28
N ASN A 156 -23.14 -15.21 -7.14
CA ASN A 156 -24.50 -14.73 -7.05
C ASN A 156 -24.85 -14.14 -5.68
N ARG A 157 -23.93 -14.19 -4.72
CA ARG A 157 -24.17 -13.61 -3.40
C ARG A 157 -23.71 -12.16 -3.29
N GLU A 158 -22.90 -11.68 -4.23
CA GLU A 158 -22.51 -10.29 -4.25
C GLU A 158 -23.42 -9.50 -5.20
N GLN A 159 -23.70 -8.26 -4.81
CA GLN A 159 -24.27 -7.26 -5.70
C GLN A 159 -23.26 -6.14 -5.88
N PHE A 160 -23.41 -5.39 -6.96
CA PHE A 160 -22.41 -4.38 -7.29
C PHE A 160 -23.02 -3.32 -8.19
N VAL A 161 -22.32 -2.18 -8.25
CA VAL A 161 -22.60 -1.11 -9.20
C VAL A 161 -21.27 -0.60 -9.70
N GLU A 162 -21.16 -0.39 -11.01
CA GLU A 162 -19.90 0.06 -11.59
C GLU A 162 -19.65 1.52 -11.24
N LEU A 163 -18.39 1.83 -10.94
CA LEU A 163 -18.00 3.17 -10.50
C LEU A 163 -17.34 3.97 -11.62
N LYS A 164 -16.25 3.44 -12.18
CA LYS A 164 -15.41 4.23 -13.06
C LYS A 164 -14.38 3.32 -13.72
N ARG A 165 -13.77 3.84 -14.78
CA ARG A 165 -12.59 3.27 -15.39
C ARG A 165 -11.35 3.96 -14.84
N GLU A 166 -10.32 3.17 -14.54
CA GLU A 166 -9.04 3.70 -14.09
C GLU A 166 -7.98 3.29 -15.11
N ALA A 167 -7.33 4.28 -15.71
CA ALA A 167 -6.33 3.99 -16.74
C ALA A 167 -4.99 3.64 -16.11
N LEU A 168 -4.28 2.73 -16.75
CA LEU A 168 -2.94 2.34 -16.34
C LEU A 168 -1.97 2.50 -17.51
N ILE A 169 -0.70 2.68 -17.17
CA ILE A 169 0.33 3.02 -18.14
C ILE A 169 1.54 2.11 -18.00
N PRO A 170 2.03 1.49 -19.07
CA PRO A 170 3.33 0.80 -18.99
C PRO A 170 4.45 1.82 -18.93
N VAL A 171 5.32 1.69 -17.92
CA VAL A 171 6.36 2.68 -17.68
C VAL A 171 7.68 1.99 -17.38
N ILE A 172 8.75 2.77 -17.54
CA ILE A 172 10.12 2.33 -17.30
C ILE A 172 10.91 3.54 -16.80
N SER A 173 11.98 3.26 -16.07
CA SER A 173 12.80 4.36 -15.56
C SER A 173 13.56 5.03 -16.71
N LYS A 174 13.70 6.36 -16.62
CA LYS A 174 14.42 7.10 -17.64
C LYS A 174 15.90 6.76 -17.69
N THR A 175 16.45 6.20 -16.62
CA THR A 175 17.85 5.80 -16.57
C THR A 175 18.05 4.30 -16.80
N HIS A 176 16.98 3.57 -17.09
CA HIS A 176 17.11 2.17 -17.46
C HIS A 176 17.89 2.07 -18.78
N PRO A 177 18.78 1.07 -18.91
CA PRO A 177 19.55 0.96 -20.16
C PRO A 177 18.68 0.99 -21.42
N LEU A 178 17.49 0.40 -21.36
CA LEU A 178 16.59 0.40 -22.50
C LEU A 178 16.14 1.82 -22.86
N ALA A 179 16.12 2.73 -21.89
CA ALA A 179 15.53 4.05 -22.12
C ALA A 179 16.44 4.99 -22.89
N SER A 180 17.72 4.67 -23.04
CA SER A 180 18.64 5.52 -23.78
C SER A 180 18.43 5.45 -25.29
N GLN A 181 17.65 4.51 -25.79
CA GLN A 181 17.43 4.36 -27.22
C GLN A 181 16.20 5.15 -27.68
N VAL A 184 12.79 1.28 -29.11
CA VAL A 184 12.93 -0.09 -28.62
C VAL A 184 11.91 -1.02 -29.27
N SER A 185 12.29 -2.27 -29.45
CA SER A 185 11.44 -3.23 -30.14
C SER A 185 10.60 -4.02 -29.14
N TYR A 186 9.59 -4.72 -29.69
CA TYR A 186 8.80 -5.62 -28.86
C TYR A 186 9.66 -6.78 -28.36
N GLU A 187 10.60 -7.22 -29.19
CA GLU A 187 11.53 -8.29 -28.78
C GLU A 187 12.30 -7.90 -27.52
N GLN A 188 12.65 -6.63 -27.38
CA GLN A 188 13.40 -6.19 -26.20
C GLN A 188 12.52 -6.13 -24.96
N ILE A 189 11.26 -5.73 -25.11
CA ILE A 189 10.32 -5.80 -24.00
C ILE A 189 10.14 -7.25 -23.56
N LEU A 190 10.03 -8.17 -24.51
CA LEU A 190 9.96 -9.60 -24.18
C LEU A 190 11.14 -10.02 -23.31
N GLY A 191 12.33 -9.52 -23.61
CA GLY A 191 13.54 -9.85 -22.89
C GLY A 191 13.86 -8.95 -21.71
N THR A 192 12.95 -8.06 -21.32
CA THR A 192 13.14 -7.19 -20.16
C THR A 192 12.19 -7.61 -19.06
N ARG A 193 12.70 -7.64 -17.83
CA ARG A 193 11.92 -8.09 -16.69
C ARG A 193 10.69 -7.22 -16.47
N GLN A 194 9.52 -7.85 -16.35
CA GLN A 194 8.29 -7.17 -16.01
C GLN A 194 8.03 -7.29 -14.52
N ILE A 195 7.69 -6.17 -13.88
CA ILE A 195 7.24 -6.19 -12.49
C ILE A 195 5.71 -6.25 -12.52
N VAL A 196 5.17 -7.41 -12.17
CA VAL A 196 3.74 -7.67 -12.30
C VAL A 196 3.07 -7.42 -10.95
N VAL A 197 1.93 -6.73 -10.98
CA VAL A 197 1.13 -6.47 -9.78
C VAL A 197 -0.07 -7.39 -9.82
N ALA A 198 -0.17 -8.28 -8.83
CA ALA A 198 -1.31 -9.19 -8.73
C ALA A 198 -1.47 -9.62 -7.28
N SER A 199 -2.71 -9.57 -6.80
CA SER A 199 -3.06 -10.03 -5.45
C SER A 199 -2.44 -11.39 -5.17
N ARG A 200 -1.98 -11.59 -3.94
CA ARG A 200 -1.32 -12.83 -3.56
C ARG A 200 -2.35 -13.91 -3.22
N THR A 203 -3.31 -16.39 -8.79
CA THR A 203 -2.25 -16.84 -9.68
C THR A 203 -2.41 -16.25 -11.08
N LEU A 204 -1.36 -16.37 -11.90
CA LEU A 204 -1.12 -15.45 -13.01
C LEU A 204 -1.51 -16.06 -14.34
N LYS A 205 -2.57 -15.53 -14.95
CA LYS A 205 -2.98 -15.95 -16.28
C LYS A 205 -2.08 -15.32 -17.34
N PRO A 206 -1.94 -15.95 -18.51
CA PRO A 206 -1.05 -15.41 -19.55
C PRO A 206 -1.42 -14.01 -20.01
N GLU A 207 -2.65 -13.57 -19.74
CA GLU A 207 -3.07 -12.25 -20.16
C GLU A 207 -2.44 -11.13 -19.36
N LEU A 208 -1.86 -11.45 -18.19
CA LEU A 208 -1.19 -10.43 -17.38
C LEU A 208 0.32 -10.40 -17.58
N LEU A 209 0.86 -11.31 -18.39
CA LEU A 209 2.30 -11.48 -18.52
C LEU A 209 2.72 -11.14 -19.94
N PHE A 210 3.65 -10.20 -20.07
CA PHE A 210 4.07 -9.71 -21.37
C PHE A 210 5.57 -9.87 -21.62
N SER A 211 6.32 -10.38 -20.66
CA SER A 211 7.74 -10.62 -20.80
C SER A 211 8.04 -12.07 -20.42
N LYS A 212 9.17 -12.57 -20.91
CA LYS A 212 9.57 -13.93 -20.59
C LYS A 212 9.83 -14.11 -19.10
N HIS A 213 10.41 -13.10 -18.46
CA HIS A 213 10.75 -13.16 -17.04
C HIS A 213 10.04 -12.04 -16.30
N TYR A 214 9.63 -12.33 -15.06
CA TYR A 214 8.84 -11.37 -14.31
C TYR A 214 9.02 -11.59 -12.82
N TRP A 215 8.83 -10.51 -12.06
CA TRP A 215 8.65 -10.58 -10.62
C TRP A 215 7.21 -10.23 -10.29
N ARG A 216 6.74 -10.75 -9.16
CA ARG A 216 5.37 -10.54 -8.71
C ARG A 216 5.37 -9.73 -7.42
N THR A 217 4.52 -8.70 -7.38
CA THR A 217 4.27 -7.93 -6.17
C THR A 217 2.77 -7.68 -6.08
N ASP A 218 2.29 -7.33 -4.89
CA ASP A 218 0.85 -7.24 -4.68
C ASP A 218 0.34 -5.81 -4.56
N ASN A 219 1.15 -4.80 -4.84
CA ASN A 219 0.65 -3.43 -4.90
C ASN A 219 1.59 -2.56 -5.73
N HIS A 220 1.03 -1.43 -6.20
CA HIS A 220 1.72 -0.63 -7.22
C HIS A 220 2.84 0.21 -6.63
N HIS A 221 2.76 0.55 -5.33
CA HIS A 221 3.86 1.26 -4.70
C HIS A 221 5.12 0.41 -4.69
N SER A 222 5.00 -0.85 -4.27
CA SER A 222 6.13 -1.76 -4.30
C SER A 222 6.66 -1.92 -5.73
N ALA A 223 5.77 -2.07 -6.70
CA ALA A 223 6.20 -2.19 -8.09
C ALA A 223 6.91 -0.92 -8.55
N CYS A 224 6.36 0.25 -8.20
CA CYS A 224 6.97 1.51 -8.63
C CYS A 224 8.37 1.67 -8.04
N LEU A 225 8.55 1.31 -6.76
CA LEU A 225 9.87 1.40 -6.16
C LEU A 225 10.91 0.58 -6.92
N MET A 226 10.53 -0.62 -7.36
CA MET A 226 11.48 -1.49 -8.06
C MET A 226 11.69 -1.07 -9.50
N ILE A 227 10.67 -0.49 -10.14
CA ILE A 227 10.87 0.13 -11.45
C ILE A 227 11.82 1.32 -11.33
N LEU A 228 11.70 2.09 -10.24
CA LEU A 228 12.59 3.23 -10.04
C LEU A 228 14.04 2.80 -9.83
N ARG A 229 14.26 1.58 -9.32
CA ARG A 229 15.61 1.04 -9.16
C ARG A 229 16.13 0.36 -10.43
N ASN A 230 15.45 0.54 -11.56
CA ASN A 230 15.85 -0.03 -12.86
C ASN A 230 15.79 -1.56 -12.85
N LEU A 231 14.94 -2.14 -12.01
CA LEU A 231 14.82 -3.59 -11.95
C LEU A 231 13.88 -4.14 -13.02
N GLY A 232 13.20 -3.29 -13.77
CA GLY A 232 12.33 -3.74 -14.84
C GLY A 232 11.32 -2.67 -15.21
N TRP A 233 10.38 -3.09 -16.07
CA TRP A 233 9.25 -2.26 -16.45
C TRP A 233 7.98 -2.83 -15.83
N GLY A 234 6.93 -2.01 -15.84
CA GLY A 234 5.68 -2.43 -15.23
C GLY A 234 4.56 -1.46 -15.56
N VAL A 235 3.36 -1.83 -15.13
CA VAL A 235 2.14 -1.11 -15.44
C VAL A 235 1.62 -0.47 -14.17
N LEU A 236 1.49 0.86 -14.20
CA LEU A 236 1.11 1.66 -13.04
C LEU A 236 -0.09 2.49 -13.35
N PRO A 237 -0.95 2.76 -12.36
CA PRO A 237 -2.08 3.66 -12.57
C PRO A 237 -1.61 5.08 -12.90
N GLN A 238 -2.28 5.69 -13.87
CA GLN A 238 -2.05 7.11 -14.18
C GLN A 238 -2.23 7.97 -12.93
N GLU A 239 -3.10 7.53 -12.03
CA GLU A 239 -3.35 8.24 -10.77
C GLU A 239 -2.07 8.47 -9.97
N MET A 240 -1.14 7.53 -10.01
CA MET A 240 0.10 7.68 -9.25
C MET A 240 0.90 8.89 -9.69
N PHE A 241 0.82 9.26 -10.97
CA PHE A 241 1.55 10.42 -11.45
C PHE A 241 0.86 11.72 -11.09
N LYS A 242 -0.47 11.69 -10.90
CA LYS A 242 -1.15 12.84 -10.34
C LYS A 242 -0.77 13.02 -8.88
N GLU A 243 -0.78 11.94 -8.11
CA GLU A 243 -0.49 12.04 -6.68
C GLU A 243 0.98 12.36 -6.41
N ASN A 244 1.89 11.89 -7.26
CA ASN A 244 3.31 12.10 -7.05
C ASN A 244 3.95 12.65 -8.31
N PRO A 245 4.05 13.97 -8.43
CA PRO A 245 4.65 14.54 -9.66
C PRO A 245 6.10 14.13 -9.85
N GLU A 246 6.80 13.77 -8.76
CA GLU A 246 8.17 13.29 -8.83
C GLU A 246 8.34 12.14 -9.83
N LEU A 247 7.30 11.30 -9.99
CA LEU A 247 7.42 10.13 -10.84
C LEU A 247 7.64 10.50 -12.30
N ASN A 248 7.11 11.65 -12.74
CA ASN A 248 7.38 12.10 -14.10
C ASN A 248 8.85 12.50 -14.31
N ASN A 249 9.55 12.89 -13.25
CA ASN A 249 10.97 13.18 -13.37
C ASN A 249 11.81 11.93 -13.54
N LYS A 250 11.29 10.79 -13.09
CA LYS A 250 12.07 9.55 -13.03
C LYS A 250 11.61 8.51 -14.03
N LEU A 251 10.31 8.43 -14.33
CA LEU A 251 9.76 7.38 -15.17
C LEU A 251 9.25 7.96 -16.48
N LYS A 252 9.30 7.15 -17.53
CA LYS A 252 8.72 7.49 -18.81
C LYS A 252 7.75 6.41 -19.25
N ALA A 253 6.72 6.80 -20.00
CA ALA A 253 5.85 5.82 -20.60
C ALA A 253 6.59 5.07 -21.70
N LEU A 254 6.36 3.76 -21.78
CA LEU A 254 6.97 2.97 -22.83
C LEU A 254 6.36 3.32 -24.18
N ASP A 255 7.21 3.57 -25.17
CA ASP A 255 6.79 3.68 -26.57
C ASP A 255 7.53 2.60 -27.34
N VAL A 256 6.82 1.55 -27.73
CA VAL A 256 7.41 0.34 -28.28
C VAL A 256 6.60 -0.05 -29.51
N PHE A 257 7.30 -0.32 -30.62
CA PHE A 257 6.61 -0.68 -31.85
C PHE A 257 6.07 -2.11 -31.74
N ASP A 258 4.83 -2.30 -32.21
CA ASP A 258 4.07 -3.56 -32.13
C ASP A 258 3.66 -3.91 -30.71
N PHE A 259 3.72 -2.94 -29.79
CA PHE A 259 3.36 -3.16 -28.38
C PHE A 259 2.31 -2.10 -28.02
N THR A 260 1.05 -2.41 -28.28
CA THR A 260 -0.03 -1.47 -28.05
C THR A 260 -1.20 -1.98 -27.20
N PRO A 261 -0.97 -2.75 -26.14
CA PRO A 261 -2.11 -3.24 -25.35
C PRO A 261 -2.73 -2.12 -24.53
N ARG A 262 -3.98 -2.35 -24.13
CA ARG A 262 -4.73 -1.40 -23.32
C ARG A 262 -4.83 -1.93 -21.89
N PHE A 263 -4.36 -1.14 -20.93
CA PHE A 263 -4.43 -1.49 -19.52
C PHE A 263 -5.41 -0.56 -18.82
N GLU A 264 -6.38 -1.15 -18.12
CA GLU A 264 -7.40 -0.37 -17.44
C GLU A 264 -8.10 -1.27 -16.42
N TYR A 265 -8.62 -0.66 -15.37
CA TYR A 265 -9.51 -1.31 -14.44
C TYR A 265 -10.90 -0.70 -14.55
N TYR A 266 -11.92 -1.55 -14.55
CA TYR A 266 -13.28 -1.10 -14.29
C TYR A 266 -13.59 -1.39 -12.83
N VAL A 267 -13.74 -0.32 -12.05
CA VAL A 267 -13.89 -0.42 -10.60
C VAL A 267 -15.36 -0.56 -10.25
N ASP A 268 -15.70 -1.58 -9.47
CA ASP A 268 -17.04 -1.81 -9.00
C ASP A 268 -17.12 -1.60 -7.50
N LEU A 269 -18.26 -1.12 -7.03
CA LEU A 269 -18.59 -1.08 -5.61
C LEU A 269 -19.42 -2.32 -5.29
N VAL A 270 -18.90 -3.17 -4.40
CA VAL A 270 -19.46 -4.50 -4.19
C VAL A 270 -19.87 -4.65 -2.73
N TRP A 271 -20.96 -5.37 -2.51
CA TRP A 271 -21.45 -5.68 -1.17
C TRP A 271 -22.14 -7.05 -1.20
N SER A 272 -22.44 -7.57 -0.01
CA SER A 272 -23.09 -8.86 0.13
C SER A 272 -24.61 -8.67 0.19
N ARG A 273 -25.33 -9.40 -0.65
CA ARG A 273 -26.78 -9.27 -0.67
C ARG A 273 -27.45 -9.83 0.58
N GLU A 274 -26.75 -10.68 1.32
CA GLU A 274 -27.31 -11.28 2.52
C GLU A 274 -26.90 -10.58 3.80
N SER A 275 -25.96 -9.64 3.75
CA SER A 275 -25.62 -8.82 4.89
C SER A 275 -26.56 -7.63 4.96
N GLU A 276 -26.63 -7.02 6.15
CA GLU A 276 -27.40 -5.79 6.33
C GLU A 276 -26.47 -4.59 6.28
N LEU A 277 -26.79 -3.65 5.40
CA LEU A 277 -25.98 -2.47 5.19
C LEU A 277 -26.43 -1.37 6.15
N GLY A 278 -25.47 -0.72 6.79
CA GLY A 278 -25.78 0.47 7.56
C GLY A 278 -26.28 1.60 6.68
N ALA A 279 -26.69 2.69 7.33
CA ALA A 279 -27.24 3.82 6.59
C ALA A 279 -26.19 4.46 5.70
N ALA A 280 -24.93 4.50 6.17
CA ALA A 280 -23.87 5.12 5.38
C ALA A 280 -23.65 4.37 4.07
N ALA A 281 -23.55 3.04 4.14
CA ALA A 281 -23.34 2.27 2.92
C ALA A 281 -24.52 2.42 1.95
N ARG A 282 -25.74 2.42 2.48
CA ARG A 282 -26.92 2.58 1.64
C ARG A 282 -26.94 3.95 0.97
N PHE A 283 -26.51 4.99 1.70
CA PHE A 283 -26.44 6.33 1.11
C PHE A 283 -25.50 6.34 -0.09
N LEU A 284 -24.30 5.76 0.07
CA LEU A 284 -23.33 5.75 -1.01
C LEU A 284 -23.86 4.99 -2.22
N ILE A 285 -24.52 3.85 -1.99
CA ILE A 285 -25.03 3.05 -3.10
C ILE A 285 -26.09 3.82 -3.86
N ASP A 286 -27.01 4.47 -3.14
CA ASP A 286 -28.04 5.27 -3.79
C ASP A 286 -27.44 6.46 -4.52
N TYR A 287 -26.44 7.10 -3.93
CA TYR A 287 -25.77 8.23 -4.58
C TYR A 287 -25.17 7.81 -5.92
N ILE A 288 -24.49 6.65 -5.94
CA ILE A 288 -23.84 6.18 -7.16
C ILE A 288 -24.88 5.82 -8.21
N ARG A 289 -25.83 4.96 -7.85
CA ARG A 289 -26.91 4.60 -8.76
C ARG A 289 -27.62 5.84 -9.31
N ASN A 290 -27.83 6.86 -8.48
CA ASN A 290 -28.55 8.04 -8.91
C ASN A 290 -27.74 8.83 -9.95
N LYS A 291 -26.44 8.74 -9.85
CA LYS A 291 -25.59 9.42 -10.78
C LYS A 291 -25.58 8.68 -12.08
N ARG A 292 -25.52 7.37 -12.01
CA ARG A 292 -25.51 6.53 -13.21
C ARG A 292 -26.82 6.61 -14.00
N MET A 293 -27.80 7.25 -13.43
CA MET A 293 -29.02 7.54 -14.11
C MET A 293 -28.68 8.36 -15.35
N GLN A 294 -27.44 8.83 -15.49
CA GLN A 294 -26.98 9.57 -16.65
C GLN A 294 -25.63 9.07 -17.16
N PRO B 93 13.79 -21.08 -9.57
CA PRO B 93 14.07 -20.67 -8.19
C PRO B 93 13.39 -19.36 -7.86
N ASN B 94 12.78 -19.25 -6.68
CA ASN B 94 12.12 -18.00 -6.33
C ASN B 94 12.13 -17.80 -4.82
N LEU B 95 11.95 -16.54 -4.44
CA LEU B 95 12.07 -16.07 -3.06
C LEU B 95 10.92 -15.12 -2.78
N THR B 96 10.12 -15.41 -1.76
CA THR B 96 9.01 -14.55 -1.38
C THR B 96 9.34 -13.83 -0.08
N ILE B 97 9.30 -12.50 -0.13
CA ILE B 97 9.55 -11.64 1.02
C ILE B 97 8.23 -10.94 1.36
N VAL B 98 7.80 -11.03 2.62
CA VAL B 98 6.62 -10.32 3.06
C VAL B 98 7.05 -9.11 3.86
N VAL B 99 6.70 -7.92 3.35
CA VAL B 99 6.94 -6.66 4.04
C VAL B 99 5.66 -6.31 4.79
N VAL B 100 5.74 -6.19 6.11
CA VAL B 100 4.56 -5.84 6.88
C VAL B 100 4.05 -4.48 6.40
N SER B 101 2.72 -4.34 6.41
CA SER B 101 2.07 -3.16 5.82
C SER B 101 2.69 -1.86 6.28
N GLU B 102 2.94 -1.73 7.59
CA GLU B 102 3.44 -0.46 8.12
C GLU B 102 4.83 -0.10 7.60
N LEU B 103 5.56 -1.05 7.02
CA LEU B 103 6.91 -0.81 6.52
C LEU B 103 6.98 -0.64 5.01
N LEU B 104 5.83 -0.61 4.33
CA LEU B 104 5.84 -0.54 2.87
C LEU B 104 6.44 0.76 2.38
N HIS B 105 6.09 1.88 3.02
CA HIS B 105 6.56 3.19 2.61
C HIS B 105 7.83 3.61 3.36
N THR B 106 8.62 2.63 3.77
CA THR B 106 9.99 2.80 4.21
C THR B 106 10.94 2.30 3.12
N ASN B 107 12.21 2.16 3.45
CA ASN B 107 13.29 2.02 2.48
C ASN B 107 13.82 0.57 2.50
N TRP B 108 13.29 -0.28 1.63
CA TRP B 108 13.66 -1.69 1.65
C TRP B 108 14.25 -2.20 0.34
N THR B 109 14.33 -1.37 -0.70
CA THR B 109 14.73 -1.88 -2.01
C THR B 109 16.22 -2.13 -2.14
N ASP B 110 17.05 -1.61 -1.22
CA ASP B 110 18.47 -1.91 -1.27
C ASP B 110 18.72 -3.41 -1.15
N TYR B 111 17.94 -4.10 -0.32
CA TYR B 111 18.13 -5.53 -0.13
C TYR B 111 17.72 -6.30 -1.37
N VAL B 112 16.73 -5.79 -2.10
CA VAL B 112 16.28 -6.45 -3.33
C VAL B 112 17.33 -6.28 -4.43
N CYS B 113 17.86 -5.06 -4.57
CA CYS B 113 18.91 -4.83 -5.57
C CYS B 113 20.14 -5.69 -5.28
N LEU B 114 20.48 -5.86 -4.00
CA LEU B 114 21.60 -6.71 -3.62
C LEU B 114 21.36 -8.16 -4.07
N LEU B 115 20.14 -8.66 -3.81
CA LEU B 115 19.81 -10.03 -4.18
C LEU B 115 19.76 -10.21 -5.68
N GLU B 116 19.24 -9.21 -6.40
CA GLU B 116 19.12 -9.32 -7.85
C GLU B 116 20.51 -9.35 -8.51
N SER B 117 21.44 -8.54 -8.03
CA SER B 117 22.76 -8.49 -8.65
C SER B 117 23.56 -9.77 -8.38
N ARG B 118 23.33 -10.41 -7.22
CA ARG B 118 24.04 -11.64 -6.90
C ARG B 118 23.36 -12.88 -7.46
N PHE B 119 22.04 -12.84 -7.64
CA PHE B 119 21.27 -13.99 -8.11
C PHE B 119 20.38 -13.55 -9.26
N PRO B 120 20.94 -13.35 -10.46
CA PRO B 120 20.16 -12.76 -11.56
C PRO B 120 19.07 -13.67 -12.11
N ASP B 121 19.07 -14.95 -11.77
CA ASP B 121 18.01 -15.86 -12.19
C ASP B 121 16.84 -15.90 -11.22
N LEU B 122 16.96 -15.24 -10.07
CA LEU B 122 16.01 -15.45 -8.98
C LEU B 122 14.76 -14.62 -9.17
N GLN B 123 13.60 -15.28 -9.12
CA GLN B 123 12.33 -14.56 -9.05
C GLN B 123 12.11 -14.10 -7.62
N ILE B 124 11.96 -12.79 -7.43
CA ILE B 124 11.78 -12.22 -6.09
C ILE B 124 10.38 -11.63 -6.03
N ASN B 125 9.53 -12.21 -5.20
CA ASN B 125 8.15 -11.78 -5.04
C ASN B 125 7.99 -11.03 -3.72
N ILE B 126 7.59 -9.77 -3.81
CA ILE B 126 7.42 -8.90 -2.66
C ILE B 126 5.93 -8.78 -2.37
N VAL B 127 5.48 -9.37 -1.26
CA VAL B 127 4.10 -9.25 -0.82
C VAL B 127 4.06 -8.43 0.47
N SER B 128 2.86 -7.99 0.83
CA SER B 128 2.64 -7.24 2.07
C SER B 128 1.46 -7.84 2.82
N ALA B 129 1.51 -7.72 4.14
CA ALA B 129 0.50 -8.32 5.00
C ALA B 129 0.61 -7.68 6.38
N PRO B 130 -0.41 -7.83 7.21
CA PRO B 130 -0.26 -7.43 8.61
C PRO B 130 0.74 -8.33 9.34
N GLN B 131 1.27 -7.82 10.44
CA GLN B 131 2.26 -8.53 11.25
C GLN B 131 1.87 -9.98 11.49
N GLU B 132 0.62 -10.21 11.91
CA GLU B 132 0.19 -11.54 12.31
C GLU B 132 0.11 -12.49 11.12
N ASP B 133 -0.34 -11.99 9.97
CA ASP B 133 -0.39 -12.83 8.78
C ASP B 133 1.01 -13.10 8.25
N ALA B 134 1.89 -12.10 8.32
CA ALA B 134 3.27 -12.30 7.86
C ALA B 134 3.96 -13.39 8.66
N LEU B 135 3.74 -13.42 9.97
CA LEU B 135 4.32 -14.46 10.82
C LEU B 135 3.87 -15.84 10.37
N GLN B 136 2.56 -16.00 10.14
CA GLN B 136 2.04 -17.30 9.68
C GLN B 136 2.59 -17.69 8.32
N MET B 137 2.88 -16.70 7.47
CA MET B 137 3.45 -17.01 6.16
C MET B 137 4.86 -17.59 6.29
N LEU B 138 5.64 -17.08 7.25
CA LEU B 138 6.95 -17.67 7.52
C LEU B 138 6.80 -19.10 8.03
N LEU B 139 5.84 -19.34 8.90
CA LEU B 139 5.74 -20.64 9.56
C LEU B 139 5.16 -21.71 8.65
N ASP B 140 4.26 -21.34 7.74
CA ASP B 140 3.72 -22.31 6.80
C ASP B 140 4.49 -22.35 5.49
N GLY B 141 5.50 -21.50 5.33
CA GLY B 141 6.45 -21.61 4.23
C GLY B 141 6.13 -20.80 2.99
N SER B 142 5.03 -20.05 2.97
CA SER B 142 4.69 -19.28 1.79
C SER B 142 5.56 -18.03 1.64
N ALA B 143 6.31 -17.67 2.68
CA ALA B 143 7.32 -16.62 2.60
C ALA B 143 8.57 -17.10 3.31
N GLN B 144 9.73 -16.76 2.74
CA GLN B 144 11.01 -17.17 3.32
C GLN B 144 11.58 -16.10 4.25
N LEU B 145 11.28 -14.83 3.98
CA LEU B 145 11.80 -13.73 4.78
C LEU B 145 10.67 -12.73 5.03
N ALA B 146 10.80 -11.99 6.13
CA ALA B 146 9.83 -10.98 6.49
C ALA B 146 10.54 -9.74 7.01
N LEU B 147 10.02 -8.57 6.67
CA LEU B 147 10.46 -7.31 7.26
C LEU B 147 9.43 -6.92 8.31
N MET B 148 9.84 -6.88 9.57
CA MET B 148 8.94 -6.64 10.67
C MET B 148 9.49 -5.55 11.58
N PHE B 149 8.58 -4.89 12.28
CA PHE B 149 8.89 -4.05 13.43
C PHE B 149 8.29 -4.74 14.65
N GLU B 150 8.61 -4.23 15.84
CA GLU B 150 8.42 -4.95 17.11
C GLU B 150 7.31 -5.99 17.10
N LEU B 154 6.76 -11.86 18.37
CA LEU B 154 7.64 -12.96 17.99
C LEU B 154 7.77 -13.99 19.11
N ASP B 155 8.22 -15.20 18.79
CA ASP B 155 8.34 -16.27 19.77
C ASP B 155 9.61 -17.07 19.49
N ASN B 156 9.65 -18.27 20.07
CA ASN B 156 10.81 -19.16 19.99
C ASN B 156 11.17 -19.59 18.57
N ARG B 157 10.22 -19.56 17.64
CA ARG B 157 10.38 -20.22 16.36
C ARG B 157 10.97 -19.34 15.26
N GLU B 158 11.12 -18.04 15.49
CA GLU B 158 11.72 -17.14 14.53
C GLU B 158 13.11 -16.73 14.98
N GLN B 159 13.98 -16.46 14.00
CA GLN B 159 15.21 -15.72 14.22
C GLN B 159 15.09 -14.40 13.49
N PHE B 160 16.01 -13.49 13.82
CA PHE B 160 15.99 -12.18 13.17
C PHE B 160 17.36 -11.55 13.29
N VAL B 161 17.59 -10.55 12.43
CA VAL B 161 18.72 -9.65 12.53
C VAL B 161 18.20 -8.23 12.33
N GLU B 162 18.80 -7.29 13.05
CA GLU B 162 18.36 -5.91 13.02
C GLU B 162 18.80 -5.24 11.73
N LEU B 163 17.90 -4.44 11.15
CA LEU B 163 18.18 -3.73 9.91
C LEU B 163 18.47 -2.26 10.13
N LYS B 164 17.47 -1.50 10.57
CA LYS B 164 17.62 -0.05 10.64
C LYS B 164 16.43 0.55 11.38
N ARG B 165 16.59 1.82 11.73
CA ARG B 165 15.54 2.62 12.32
C ARG B 165 14.86 3.45 11.23
N GLU B 166 13.55 3.56 11.32
CA GLU B 166 12.77 4.39 10.40
C GLU B 166 12.02 5.43 11.21
N ALA B 167 12.30 6.71 10.96
CA ALA B 167 11.65 7.79 11.68
C ALA B 167 10.28 8.07 11.07
N LEU B 168 9.34 8.46 11.92
CA LEU B 168 8.02 8.88 11.50
C LEU B 168 7.74 10.28 12.03
N ILE B 169 6.81 10.97 11.38
CA ILE B 169 6.53 12.37 11.68
C ILE B 169 5.04 12.61 11.85
N PRO B 170 4.60 13.22 12.95
CA PRO B 170 3.19 13.64 13.04
C PRO B 170 2.95 14.84 12.13
N VAL B 171 1.93 14.74 11.29
CA VAL B 171 1.67 15.74 10.26
C VAL B 171 0.19 16.06 10.17
N ILE B 172 -0.09 17.21 9.55
CA ILE B 172 -1.45 17.67 9.28
C ILE B 172 -1.42 18.50 8.01
N SER B 173 -2.55 18.60 7.33
CA SER B 173 -2.62 19.41 6.12
C SER B 173 -2.41 20.88 6.46
N LYS B 174 -1.67 21.59 5.60
CA LYS B 174 -1.42 23.01 5.83
C LYS B 174 -2.69 23.84 5.83
N THR B 175 -3.75 23.37 5.20
CA THR B 175 -5.02 24.09 5.14
C THR B 175 -6.01 23.66 6.21
N HIS B 176 -5.63 22.71 7.06
CA HIS B 176 -6.47 22.35 8.19
C HIS B 176 -6.53 23.52 9.18
N PRO B 177 -7.70 23.79 9.78
CA PRO B 177 -7.78 24.91 10.74
C PRO B 177 -6.73 24.85 11.84
N LEU B 178 -6.37 23.64 12.29
CA LEU B 178 -5.36 23.49 13.33
C LEU B 178 -3.98 23.90 12.84
N ALA B 179 -3.74 23.88 11.52
CA ALA B 179 -2.41 24.17 11.00
C ALA B 179 -2.06 25.65 11.04
N SER B 180 -3.03 26.54 11.27
CA SER B 180 -2.77 27.97 11.27
C SER B 180 -1.97 28.42 12.49
N GLN B 181 -1.81 27.56 13.50
CA GLN B 181 -1.15 27.93 14.74
C GLN B 181 0.28 27.43 14.77
N GLU B 182 1.16 28.23 15.39
CA GLU B 182 2.53 27.78 15.65
C GLU B 182 2.52 26.52 16.50
N HIS B 183 1.73 26.53 17.58
CA HIS B 183 1.72 25.47 18.57
C HIS B 183 0.30 24.95 18.75
N VAL B 184 0.19 23.73 19.26
CA VAL B 184 -1.10 23.12 19.56
C VAL B 184 -1.04 22.49 20.95
N SER B 185 -2.18 22.45 21.62
CA SER B 185 -2.26 21.83 22.93
C SER B 185 -2.73 20.39 22.79
N TYR B 186 -2.59 19.64 23.89
CA TYR B 186 -3.13 18.29 23.92
C TYR B 186 -4.65 18.30 23.82
N GLU B 187 -5.29 19.31 24.42
CA GLU B 187 -6.74 19.42 24.33
C GLU B 187 -7.20 19.51 22.88
N GLN B 188 -6.44 20.24 22.05
CA GLN B 188 -6.82 20.38 20.64
C GLN B 188 -6.61 19.07 19.88
N ILE B 189 -5.49 18.38 20.13
CA ILE B 189 -5.28 17.07 19.54
C ILE B 189 -6.39 16.11 19.96
N LEU B 190 -6.76 16.16 21.24
CA LEU B 190 -7.85 15.32 21.74
C LEU B 190 -9.13 15.51 20.94
N GLY B 191 -9.42 16.74 20.54
CA GLY B 191 -10.60 17.06 19.78
C GLY B 191 -10.46 17.02 18.27
N THR B 192 -9.33 16.55 17.76
CA THR B 192 -9.11 16.43 16.33
C THR B 192 -9.08 14.96 15.95
N ARG B 193 -9.65 14.63 14.80
CA ARG B 193 -9.66 13.25 14.34
C ARG B 193 -8.25 12.79 13.99
N GLN B 194 -7.87 11.62 14.51
CA GLN B 194 -6.59 11.00 14.20
C GLN B 194 -6.79 9.91 13.17
N ILE B 195 -5.92 9.88 12.15
CA ILE B 195 -5.90 8.80 11.18
C ILE B 195 -4.81 7.83 11.62
N VAL B 196 -5.21 6.62 12.01
CA VAL B 196 -4.32 5.67 12.65
C VAL B 196 -4.05 4.53 11.68
N VAL B 197 -2.79 4.08 11.64
CA VAL B 197 -2.37 2.95 10.81
C VAL B 197 -2.15 1.77 11.74
N ALA B 198 -2.94 0.72 11.57
CA ALA B 198 -2.82 -0.48 12.41
C ALA B 198 -3.66 -1.59 11.81
N SER B 199 -3.55 -2.78 12.42
CA SER B 199 -4.27 -3.98 12.00
C SER B 199 -3.95 -4.34 10.56
N THR B 203 -4.55 -5.51 17.23
CA THR B 203 -5.34 -4.30 17.08
C THR B 203 -4.61 -3.07 17.68
N LEU B 204 -5.33 -2.23 18.41
CA LEU B 204 -4.91 -0.85 18.65
C LEU B 204 -4.29 -0.68 20.03
N LYS B 205 -3.01 -0.31 20.05
CA LYS B 205 -2.29 0.03 21.28
C LYS B 205 -2.71 1.41 21.78
N PRO B 206 -3.31 1.52 22.97
CA PRO B 206 -3.86 2.82 23.39
C PRO B 206 -2.83 3.91 23.61
N GLU B 207 -1.54 3.58 23.75
CA GLU B 207 -0.56 4.62 23.99
C GLU B 207 -0.09 5.31 22.72
N LEU B 208 -0.46 4.81 21.55
CA LEU B 208 -0.25 5.49 20.29
C LEU B 208 -1.52 6.17 19.79
N LEU B 209 -2.54 6.25 20.65
CA LEU B 209 -3.79 6.93 20.34
C LEU B 209 -3.89 8.18 21.21
N PHE B 210 -4.02 9.34 20.59
CA PHE B 210 -4.03 10.60 21.32
C PHE B 210 -5.27 11.43 21.09
N SER B 211 -6.20 10.97 20.26
CA SER B 211 -7.43 11.68 19.98
C SER B 211 -8.61 10.84 20.41
N LYS B 212 -9.68 11.53 20.83
CA LYS B 212 -10.88 10.80 21.24
C LYS B 212 -11.51 10.08 20.06
N HIS B 213 -11.54 10.70 18.90
CA HIS B 213 -12.15 10.12 17.70
C HIS B 213 -11.07 9.86 16.65
N TYR B 214 -11.16 8.71 16.00
CA TYR B 214 -10.10 8.27 15.11
C TYR B 214 -10.66 7.33 14.05
N TRP B 215 -9.97 7.29 12.92
CA TRP B 215 -10.19 6.30 11.88
C TRP B 215 -8.98 5.38 11.80
N ARG B 216 -9.23 4.12 11.46
CA ARG B 216 -8.17 3.14 11.30
C ARG B 216 -8.01 2.79 9.82
N THR B 217 -6.77 2.81 9.35
CA THR B 217 -6.40 2.31 8.04
C THR B 217 -5.18 1.42 8.21
N ASP B 218 -4.88 0.60 7.20
CA ASP B 218 -3.83 -0.41 7.36
C ASP B 218 -2.54 -0.07 6.61
N ASN B 219 -2.41 1.12 6.05
CA ASN B 219 -1.16 1.51 5.43
C ASN B 219 -1.08 3.02 5.32
N HIS B 220 0.14 3.52 5.13
CA HIS B 220 0.41 4.95 5.24
C HIS B 220 -0.01 5.73 4.00
N HIS B 221 -0.08 5.07 2.84
CA HIS B 221 -0.59 5.75 1.65
C HIS B 221 -2.04 6.14 1.84
N SER B 222 -2.86 5.20 2.31
CA SER B 222 -4.26 5.50 2.60
C SER B 222 -4.38 6.58 3.65
N ALA B 223 -3.56 6.51 4.71
CA ALA B 223 -3.58 7.53 5.73
C ALA B 223 -3.19 8.89 5.17
N CYS B 224 -2.14 8.92 4.35
CA CYS B 224 -1.68 10.19 3.77
C CYS B 224 -2.74 10.84 2.90
N LEU B 225 -3.45 10.04 2.10
CA LEU B 225 -4.50 10.59 1.24
C LEU B 225 -5.58 11.27 2.06
N MET B 226 -5.96 10.66 3.19
CA MET B 226 -7.04 11.22 4.00
C MET B 226 -6.56 12.42 4.81
N ILE B 227 -5.29 12.45 5.21
CA ILE B 227 -4.73 13.65 5.82
C ILE B 227 -4.70 14.79 4.82
N LEU B 228 -4.40 14.48 3.56
CA LEU B 228 -4.36 15.52 2.52
C LEU B 228 -5.75 16.08 2.23
N ARG B 229 -6.80 15.31 2.46
CA ARG B 229 -8.17 15.79 2.31
C ARG B 229 -8.70 16.50 3.57
N ASN B 230 -7.81 16.84 4.50
CA ASN B 230 -8.16 17.55 5.74
C ASN B 230 -9.07 16.72 6.65
N LEU B 231 -9.03 15.40 6.53
CA LEU B 231 -9.89 14.56 7.37
C LEU B 231 -9.29 14.31 8.75
N GLY B 232 -8.06 14.72 8.99
CA GLY B 232 -7.46 14.58 10.31
C GLY B 232 -5.96 14.68 10.25
N TRP B 233 -5.34 14.32 11.36
CA TRP B 233 -3.89 14.27 11.50
C TRP B 233 -3.44 12.83 11.68
N GLY B 234 -2.14 12.62 11.49
CA GLY B 234 -1.59 11.29 11.57
C GLY B 234 -0.09 11.30 11.54
N VAL B 235 0.48 10.10 11.61
CA VAL B 235 1.92 9.90 11.70
C VAL B 235 2.38 9.15 10.45
N LEU B 236 3.31 9.75 9.72
CA LEU B 236 3.77 9.23 8.43
C LEU B 236 5.28 9.02 8.43
N PRO B 237 5.76 8.03 7.69
CA PRO B 237 7.21 7.85 7.58
C PRO B 237 7.87 9.04 6.90
N GLN B 238 9.02 9.43 7.44
CA GLN B 238 9.85 10.47 6.85
C GLN B 238 10.21 10.14 5.40
N GLU B 239 10.33 8.84 5.09
CA GLU B 239 10.64 8.37 3.74
C GLU B 239 9.64 8.87 2.71
N MET B 240 8.37 9.05 3.09
CA MET B 240 7.36 9.51 2.13
C MET B 240 7.67 10.91 1.62
N PHE B 241 8.34 11.74 2.42
CA PHE B 241 8.71 13.07 1.98
C PHE B 241 9.96 13.04 1.10
N LYS B 242 10.80 12.02 1.25
CA LYS B 242 11.85 11.78 0.27
C LYS B 242 11.26 11.37 -1.07
N GLU B 243 10.35 10.38 -1.05
CA GLU B 243 9.78 9.88 -2.29
C GLU B 243 8.92 10.92 -2.99
N ASN B 244 8.24 11.76 -2.24
CA ASN B 244 7.32 12.76 -2.80
C ASN B 244 7.63 14.10 -2.13
N PRO B 245 8.60 14.85 -2.66
CA PRO B 245 8.97 16.13 -2.03
C PRO B 245 7.82 17.12 -1.94
N GLU B 246 6.84 17.03 -2.84
CA GLU B 246 5.74 17.99 -2.83
C GLU B 246 4.84 17.83 -1.61
N LEU B 247 4.99 16.73 -0.87
CA LEU B 247 4.25 16.60 0.39
C LEU B 247 4.64 17.69 1.38
N ASN B 248 5.87 18.22 1.28
CA ASN B 248 6.26 19.33 2.15
C ASN B 248 5.44 20.57 1.87
N ASN B 249 4.97 20.75 0.63
CA ASN B 249 4.12 21.89 0.30
C ASN B 249 2.70 21.73 0.79
N LYS B 250 2.28 20.50 1.07
CA LYS B 250 0.90 20.21 1.45
C LYS B 250 0.73 19.90 2.92
N LEU B 251 1.71 19.26 3.54
CA LEU B 251 1.64 18.83 4.93
C LEU B 251 2.63 19.61 5.77
N LYS B 252 2.27 19.87 7.02
CA LYS B 252 3.18 20.48 7.97
C LYS B 252 3.33 19.57 9.19
N ALA B 253 4.50 19.61 9.79
CA ALA B 253 4.73 18.84 11.01
C ALA B 253 3.94 19.45 12.15
N LEU B 254 3.22 18.61 12.89
CA LEU B 254 2.61 19.03 14.13
C LEU B 254 3.66 19.01 15.23
N ASP B 255 3.72 20.09 16.02
CA ASP B 255 4.67 20.18 17.13
C ASP B 255 3.90 19.71 18.36
N VAL B 256 4.19 18.46 18.74
CA VAL B 256 3.30 17.60 19.50
C VAL B 256 4.20 16.72 20.35
N PHE B 257 5.49 17.01 20.28
CA PHE B 257 6.53 16.13 20.79
C PHE B 257 6.62 16.20 22.31
N ASP B 258 6.24 17.33 22.90
CA ASP B 258 6.29 17.45 24.36
C ASP B 258 5.24 16.60 25.06
N PHE B 259 4.27 16.05 24.34
CA PHE B 259 3.33 15.12 24.96
C PHE B 259 3.10 13.86 24.13
N THR B 260 4.02 13.48 23.26
CA THR B 260 3.95 12.25 22.52
C THR B 260 5.30 11.53 22.55
N PRO B 261 5.30 10.22 22.39
CA PRO B 261 6.59 9.51 22.25
C PRO B 261 7.20 9.76 20.88
N ARG B 262 8.51 9.57 20.84
CA ARG B 262 9.22 9.53 19.56
C ARG B 262 8.64 8.43 18.69
N PHE B 263 8.15 8.81 17.51
CA PHE B 263 7.56 7.85 16.58
C PHE B 263 8.66 7.27 15.69
N GLU B 264 8.83 5.96 15.74
CA GLU B 264 9.90 5.29 15.02
C GLU B 264 9.60 3.81 14.94
N TYR B 265 10.13 3.17 13.90
CA TYR B 265 10.12 1.73 13.76
C TYR B 265 11.54 1.21 13.82
N TYR B 266 11.73 0.10 14.54
CA TYR B 266 12.96 -0.67 14.49
C TYR B 266 12.69 -1.89 13.62
N VAL B 267 13.29 -1.92 12.43
CA VAL B 267 12.99 -2.92 11.42
C VAL B 267 13.93 -4.11 11.60
N ASP B 268 13.35 -5.30 11.66
CA ASP B 268 14.10 -6.54 11.73
C ASP B 268 13.83 -7.39 10.49
N LEU B 269 14.83 -8.14 10.07
CA LEU B 269 14.67 -9.18 9.05
C LEU B 269 14.44 -10.49 9.77
N VAL B 270 13.28 -11.10 9.55
CA VAL B 270 12.82 -12.23 10.34
C VAL B 270 12.64 -13.45 9.44
N TRP B 271 12.90 -14.63 9.99
CA TRP B 271 12.68 -15.87 9.28
C TRP B 271 12.34 -16.97 10.28
N SER B 272 11.87 -18.11 9.76
CA SER B 272 11.52 -19.25 10.59
C SER B 272 12.74 -20.12 10.78
N ARG B 273 13.10 -20.36 12.04
CA ARG B 273 14.23 -21.23 12.34
C ARG B 273 14.09 -22.60 11.66
N GLU B 274 12.90 -23.17 11.66
CA GLU B 274 12.69 -24.52 11.16
C GLU B 274 12.28 -24.57 9.71
N SER B 275 12.40 -23.46 8.97
CA SER B 275 12.17 -23.54 7.53
C SER B 275 13.48 -23.80 6.80
N GLU B 276 13.34 -24.21 5.54
CA GLU B 276 14.47 -24.36 4.65
C GLU B 276 14.67 -23.05 3.92
N LEU B 277 15.78 -22.39 4.19
CA LEU B 277 16.14 -21.14 3.53
C LEU B 277 16.96 -21.46 2.28
N GLY B 278 16.58 -20.88 1.15
CA GLY B 278 17.39 -20.99 -0.05
C GLY B 278 18.72 -20.29 0.11
N ALA B 279 19.58 -20.48 -0.89
CA ALA B 279 20.89 -19.83 -0.84
C ALA B 279 20.74 -18.32 -0.86
N ALA B 280 19.72 -17.80 -1.54
CA ALA B 280 19.51 -16.36 -1.62
C ALA B 280 19.22 -15.77 -0.25
N ALA B 281 18.26 -16.34 0.46
CA ALA B 281 17.94 -15.83 1.80
C ALA B 281 19.13 -15.96 2.74
N ARG B 282 19.85 -17.05 2.64
CA ARG B 282 21.00 -17.24 3.49
C ARG B 282 22.06 -16.23 3.21
N PHE B 283 22.30 -15.93 1.95
CA PHE B 283 23.29 -14.92 1.58
C PHE B 283 22.95 -13.57 2.20
N LEU B 284 21.68 -13.16 2.09
CA LEU B 284 21.27 -11.86 2.63
C LEU B 284 21.50 -11.80 4.13
N ILE B 285 21.20 -12.88 4.85
CA ILE B 285 21.39 -12.89 6.29
C ILE B 285 22.87 -12.79 6.64
N ASP B 286 23.70 -13.56 5.95
CA ASP B 286 25.14 -13.47 6.17
C ASP B 286 25.65 -12.07 5.84
N TYR B 287 25.21 -11.50 4.73
CA TYR B 287 25.66 -10.18 4.32
C TYR B 287 25.37 -9.15 5.39
N ILE B 288 24.15 -9.17 5.95
CA ILE B 288 23.77 -8.18 6.96
C ILE B 288 24.59 -8.39 8.24
N ARG B 289 24.57 -9.61 8.78
CA ARG B 289 25.38 -9.92 9.96
C ARG B 289 26.83 -9.49 9.77
N ASN B 290 27.41 -9.75 8.60
CA ASN B 290 28.80 -9.37 8.33
C ASN B 290 28.97 -7.86 8.36
N LYS B 291 27.97 -7.12 7.86
CA LYS B 291 28.02 -5.66 7.91
C LYS B 291 27.97 -5.14 9.35
N ARG B 292 27.10 -5.71 10.18
CA ARG B 292 26.89 -5.21 11.54
C ARG B 292 28.15 -5.34 12.39
N MET B 293 29.18 -5.98 11.86
CA MET B 293 30.48 -6.03 12.51
C MET B 293 31.59 -5.78 11.49
#